data_3PV7
#
_entry.id   3PV7
#
_cell.length_a   44.300
_cell.length_b   70.600
_cell.length_c   53.200
_cell.angle_alpha   90.000
_cell.angle_beta   100.400
_cell.angle_gamma   90.000
#
_symmetry.space_group_name_H-M   'P 1 21 1'
#
loop_
_entity.id
_entity.type
_entity.pdbx_description
1 polymer 'Ig-like domain-containing protein DKFZp686O24166/DKFZp686I21167'
2 branched 2-acetamido-2-deoxy-beta-D-glucopyranose-(1-4)-2-acetamido-2-deoxy-beta-D-glucopyranose
3 non-polymer 2-acetamido-2-deoxy-beta-D-glucopyranose
4 water water
#
_entity_poly.entity_id   1
_entity_poly.type   'polypeptide(L)'
_entity_poly.pdbx_seq_one_letter_code
;ADLKVEMMAGGTQITPLNDNVTIFCNIFYSQPLNITSMGITWFWKSLTFDKEVKVFEFFGDHQEAFRPGAIVSPWRLKSG
DASLRLPGIQLEEAGEYRCEVVVTPLKAQGTVQLEVVASPASRLLLDQVGMKENEDKYMCESSGFYPEAINITWEKQTQK
FPHPIEISEDVITGPTIKNMDGTFNVTSCLKLNSSQEDPGTVYQCVVRHASLHTPLRSNFTLTAARHSLSETEKTDNFSA
AAHHHHHH
;
_entity_poly.pdbx_strand_id   A
#
# COMPACT_ATOMS: atom_id res chain seq x y z
N ALA A 1 7.03 -10.95 30.60
CA ALA A 1 7.57 -9.61 30.96
C ALA A 1 6.48 -8.76 31.64
N ASP A 2 6.89 -7.79 32.43
CA ASP A 2 5.92 -6.94 33.08
C ASP A 2 5.44 -5.90 32.05
N LEU A 3 6.34 -5.48 31.16
CA LEU A 3 6.06 -4.50 30.10
C LEU A 3 6.10 -5.13 28.69
N LYS A 4 5.01 -5.02 27.93
CA LYS A 4 4.95 -5.58 26.58
C LYS A 4 4.25 -4.64 25.57
N VAL A 5 4.53 -4.88 24.29
CA VAL A 5 3.97 -4.12 23.20
C VAL A 5 3.42 -5.09 22.18
N GLU A 6 2.20 -4.82 21.72
CA GLU A 6 1.60 -5.65 20.71
C GLU A 6 1.33 -4.80 19.46
N MET A 7 1.80 -5.28 18.30
CA MET A 7 1.60 -4.59 17.03
C MET A 7 0.51 -5.34 16.26
N MET A 8 0.26 -4.92 15.02
CA MET A 8 -0.75 -5.57 14.17
C MET A 8 -0.42 -7.06 14.00
N ALA A 9 -1.43 -7.90 14.24
CA ALA A 9 -1.25 -9.35 14.13
C ALA A 9 -0.70 -9.72 12.77
N GLY A 10 0.34 -10.56 12.74
CA GLY A 10 0.92 -10.98 11.47
C GLY A 10 2.14 -10.17 10.98
N GLY A 11 2.29 -8.95 11.48
CA GLY A 11 3.45 -8.16 11.13
C GLY A 11 3.39 -7.22 9.95
N THR A 12 2.30 -7.23 9.22
CA THR A 12 2.17 -6.35 8.06
C THR A 12 0.89 -5.50 8.06
N GLN A 13 1.03 -4.25 7.63
CA GLN A 13 -0.09 -3.34 7.50
C GLN A 13 0.00 -2.84 6.06
N ILE A 14 -1.14 -2.85 5.37
CA ILE A 14 -1.19 -2.38 3.98
C ILE A 14 -2.09 -1.19 3.96
N THR A 15 -1.69 -0.19 3.19
CA THR A 15 -2.49 1.01 3.13
C THR A 15 -2.41 1.64 1.76
N PRO A 16 -3.49 2.28 1.33
CA PRO A 16 -3.54 2.94 0.04
C PRO A 16 -2.74 4.25 0.11
N LEU A 17 -2.00 4.51 -0.95
CA LEU A 17 -1.24 5.74 -1.04
C LEU A 17 -2.17 6.93 -0.71
N ASN A 18 -1.60 7.91 -0.02
CA ASN A 18 -2.28 9.12 0.42
C ASN A 18 -3.36 8.99 1.51
N ASP A 19 -3.72 7.78 1.94
CA ASP A 19 -4.69 7.73 3.02
C ASP A 19 -4.02 8.14 4.32
N ASN A 20 -4.83 8.37 5.34
CA ASN A 20 -4.34 8.73 6.67
C ASN A 20 -4.19 7.39 7.38
N VAL A 21 -2.98 7.06 7.81
CA VAL A 21 -2.80 5.74 8.41
C VAL A 21 -2.61 5.81 9.90
N THR A 22 -3.06 4.77 10.59
CA THR A 22 -2.87 4.60 12.02
C THR A 22 -2.09 3.28 12.18
N ILE A 23 -0.85 3.34 12.67
CA ILE A 23 -0.05 2.13 12.87
C ILE A 23 -0.20 1.73 14.33
N PHE A 24 -0.72 0.53 14.59
CA PHE A 24 -0.99 0.14 15.97
C PHE A 24 0.18 -0.22 16.84
N CYS A 25 0.02 0.08 18.11
CA CYS A 25 1.01 -0.26 19.13
C CYS A 25 0.26 -0.18 20.44
N ASN A 26 0.00 -1.32 21.06
CA ASN A 26 -0.72 -1.31 22.33
C ASN A 26 0.17 -1.77 23.46
N ILE A 27 0.14 -0.99 24.53
CA ILE A 27 0.97 -1.23 25.68
C ILE A 27 0.33 -2.13 26.72
N PHE A 28 1.05 -3.18 27.13
CA PHE A 28 0.57 -3.97 28.27
C PHE A 28 1.59 -3.78 29.43
N TYR A 29 1.12 -3.47 30.64
CA TYR A 29 2.01 -3.26 31.79
C TYR A 29 1.31 -3.86 33.03
N SER A 30 2.02 -4.73 33.74
CA SER A 30 1.48 -5.45 34.90
C SER A 30 1.28 -4.64 36.18
N GLN A 31 1.81 -3.43 36.22
CA GLN A 31 1.67 -2.58 37.37
C GLN A 31 1.03 -1.26 36.91
N PRO A 32 0.54 -0.45 37.85
CA PRO A 32 -0.07 0.83 37.49
C PRO A 32 0.95 1.65 36.68
N LEU A 33 0.49 2.33 35.64
CA LEU A 33 1.36 3.09 34.75
C LEU A 33 1.27 4.61 34.92
N ASN A 34 2.42 5.24 35.05
CA ASN A 34 2.41 6.69 35.15
C ASN A 34 2.63 7.14 33.71
N ILE A 35 1.56 7.55 33.04
CA ILE A 35 1.66 7.96 31.65
C ILE A 35 2.41 9.28 31.50
N THR A 36 2.59 10.03 32.58
CA THR A 36 3.34 11.28 32.49
C THR A 36 4.84 11.03 32.62
N SER A 37 5.27 9.83 32.95
CA SER A 37 6.71 9.60 33.07
C SER A 37 7.20 8.49 32.13
N MET A 38 6.33 8.08 31.22
CA MET A 38 6.63 7.01 30.26
C MET A 38 7.23 7.62 28.99
N GLY A 39 7.93 6.79 28.23
CA GLY A 39 8.50 7.29 26.98
C GLY A 39 8.09 6.42 25.82
N ILE A 40 7.66 7.05 24.73
CA ILE A 40 7.28 6.30 23.53
C ILE A 40 8.05 6.88 22.35
N THR A 41 8.70 6.04 21.59
CA THR A 41 9.40 6.51 20.41
C THR A 41 9.05 5.66 19.21
N TRP A 42 8.77 6.30 18.09
CA TRP A 42 8.52 5.55 16.87
C TRP A 42 9.71 5.77 15.93
N PHE A 43 10.13 4.69 15.29
CA PHE A 43 11.25 4.69 14.35
C PHE A 43 10.80 4.16 13.04
N TRP A 44 11.54 4.53 12.00
CA TRP A 44 11.28 4.10 10.64
C TRP A 44 12.60 3.82 9.91
N LYS A 45 12.57 2.80 9.06
CA LYS A 45 13.71 2.44 8.22
C LYS A 45 13.18 1.83 6.93
N SER A 46 13.84 2.13 5.81
CA SER A 46 13.44 1.58 4.52
C SER A 46 13.76 0.09 4.62
N LEU A 47 13.10 -0.71 3.78
CA LEU A 47 13.31 -2.15 3.73
C LEU A 47 14.59 -2.54 2.97
N THR A 48 15.30 -1.54 2.48
CA THR A 48 16.52 -1.82 1.73
C THR A 48 17.74 -1.05 2.30
N PHE A 49 17.45 -0.06 3.15
CA PHE A 49 18.49 0.75 3.80
C PHE A 49 18.32 0.46 5.29
N ASP A 50 19.41 0.13 5.98
CA ASP A 50 19.33 -0.17 7.42
C ASP A 50 19.38 1.12 8.26
N LYS A 51 19.33 2.26 7.58
CA LYS A 51 19.34 3.57 8.24
C LYS A 51 17.97 3.75 8.93
N GLU A 52 17.98 3.97 10.24
CA GLU A 52 16.74 4.14 11.00
C GLU A 52 16.62 5.56 11.51
N VAL A 53 15.42 6.13 11.41
CA VAL A 53 15.20 7.49 11.87
C VAL A 53 13.98 7.61 12.79
N LYS A 54 14.00 8.60 13.66
CA LYS A 54 12.90 8.84 14.58
C LYS A 54 11.74 9.49 13.84
N VAL A 55 10.53 9.04 14.12
CA VAL A 55 9.35 9.62 13.50
C VAL A 55 8.56 10.46 14.52
N PHE A 56 8.57 10.02 15.78
CA PHE A 56 7.85 10.72 16.83
C PHE A 56 8.42 10.30 18.16
N GLU A 57 8.59 11.27 19.05
CA GLU A 57 9.10 11.01 20.39
C GLU A 57 8.12 11.60 21.37
N PHE A 58 7.57 10.77 22.24
CA PHE A 58 6.65 11.25 23.26
C PHE A 58 7.27 11.05 24.64
N PHE A 59 7.16 12.08 25.46
CA PHE A 59 7.57 12.05 26.87
C PHE A 59 6.39 12.73 27.55
N GLY A 60 6.06 12.25 28.74
CA GLY A 60 4.94 12.82 29.45
C GLY A 60 4.86 14.31 29.37
N ASP A 61 5.96 15.01 29.59
CA ASP A 61 5.85 16.45 29.53
C ASP A 61 5.82 17.05 28.13
N HIS A 62 6.50 16.42 27.18
CA HIS A 62 6.55 16.99 25.83
C HIS A 62 6.54 15.95 24.72
N GLN A 63 6.16 16.40 23.53
CA GLN A 63 6.08 15.54 22.36
C GLN A 63 6.75 16.21 21.14
N GLU A 64 7.34 15.40 20.27
CA GLU A 64 8.01 15.92 19.10
C GLU A 64 7.81 15.02 17.86
N ALA A 65 7.27 15.59 16.80
CA ALA A 65 7.08 14.87 15.57
C ALA A 65 8.26 15.24 14.64
N PHE A 66 8.88 14.24 14.02
CA PHE A 66 10.01 14.48 13.10
C PHE A 66 9.52 14.37 11.66
N ARG A 67 8.34 13.78 11.50
CA ARG A 67 7.71 13.66 10.20
C ARG A 67 6.44 14.49 10.43
N PRO A 68 6.29 15.61 9.69
CA PRO A 68 5.14 16.52 9.82
C PRO A 68 3.73 15.93 9.76
N GLY A 69 2.94 16.22 10.79
CA GLY A 69 1.57 15.70 10.89
C GLY A 69 1.51 14.40 11.73
N ALA A 70 2.67 13.81 11.95
CA ALA A 70 2.72 12.57 12.71
C ALA A 70 2.26 12.85 14.13
N ILE A 71 1.45 11.95 14.67
CA ILE A 71 0.96 12.11 16.01
C ILE A 71 0.63 10.82 16.76
N VAL A 72 0.92 10.85 18.07
CA VAL A 72 0.60 9.77 19.02
C VAL A 72 -0.18 10.65 20.01
N SER A 73 -1.43 10.33 20.29
CA SER A 73 -2.13 11.25 21.18
C SER A 73 -2.27 10.83 22.63
N PRO A 74 -2.03 11.79 23.55
CA PRO A 74 -2.12 11.53 24.99
C PRO A 74 -3.46 10.91 25.37
N TRP A 75 -4.53 11.28 24.66
CA TRP A 75 -5.80 10.68 25.04
C TRP A 75 -5.94 9.19 24.71
N ARG A 76 -5.31 8.72 23.62
CA ARG A 76 -5.33 7.31 23.26
C ARG A 76 -4.45 6.52 24.30
N LEU A 77 -3.39 7.15 24.77
CA LEU A 77 -2.47 6.56 25.75
C LEU A 77 -3.20 6.09 27.03
N LYS A 78 -4.28 6.81 27.38
CA LYS A 78 -5.08 6.46 28.57
C LYS A 78 -5.56 5.01 28.51
N SER A 79 -5.80 4.49 27.31
CA SER A 79 -6.20 3.10 27.18
C SER A 79 -5.03 2.18 26.72
N GLY A 80 -3.81 2.71 26.81
CA GLY A 80 -2.62 1.97 26.42
C GLY A 80 -2.40 1.99 24.90
N ASP A 81 -3.10 2.88 24.18
CA ASP A 81 -2.99 2.94 22.72
C ASP A 81 -1.93 3.97 22.31
N ALA A 82 -0.74 3.46 22.01
CA ALA A 82 0.41 4.25 21.60
C ALA A 82 0.54 4.30 20.08
N SER A 83 -0.57 4.08 19.39
CA SER A 83 -0.55 4.06 17.94
C SER A 83 -0.12 5.41 17.35
N LEU A 84 0.59 5.33 16.23
CA LEU A 84 1.06 6.47 15.46
C LEU A 84 0.14 6.77 14.25
N ARG A 85 -0.31 8.03 14.10
CA ARG A 85 -1.13 8.37 12.93
C ARG A 85 -0.27 9.21 12.00
N LEU A 86 -0.26 8.85 10.71
CA LEU A 86 0.48 9.54 9.65
C LEU A 86 -0.51 9.96 8.55
N PRO A 87 -0.90 11.24 8.55
CA PRO A 87 -1.83 11.75 7.55
C PRO A 87 -1.21 11.76 6.16
N GLY A 88 -2.03 11.42 5.16
CA GLY A 88 -1.59 11.39 3.77
C GLY A 88 -0.28 10.64 3.56
N ILE A 89 -0.31 9.34 3.81
CA ILE A 89 0.88 8.52 3.68
C ILE A 89 1.47 8.50 2.24
N GLN A 90 2.78 8.67 2.13
CA GLN A 90 3.46 8.67 0.84
C GLN A 90 4.14 7.32 0.57
N LEU A 91 4.49 7.06 -0.70
CA LEU A 91 5.11 5.77 -1.12
C LEU A 91 6.43 5.60 -0.45
N GLU A 92 7.13 6.70 -0.29
CA GLU A 92 8.45 6.62 0.32
C GLU A 92 8.37 6.35 1.83
N GLU A 93 7.18 6.39 2.41
CA GLU A 93 7.08 6.12 3.85
C GLU A 93 6.82 4.65 4.17
N ALA A 94 6.78 3.80 3.12
CA ALA A 94 6.60 2.38 3.34
C ALA A 94 7.92 1.86 3.98
N GLY A 95 7.86 0.71 4.64
CA GLY A 95 9.04 0.17 5.29
C GLY A 95 8.75 -0.31 6.70
N GLU A 96 9.76 -0.42 7.55
CA GLU A 96 9.41 -0.94 8.86
C GLU A 96 9.43 0.05 10.00
N TYR A 97 8.32 0.02 10.73
CA TYR A 97 8.09 0.88 11.85
C TYR A 97 8.25 0.12 13.15
N ARG A 98 9.03 0.70 14.05
CA ARG A 98 9.25 0.14 15.38
C ARG A 98 8.70 1.06 16.46
N CYS A 99 7.92 0.48 17.38
CA CYS A 99 7.33 1.19 18.47
C CYS A 99 8.10 0.77 19.71
N GLU A 100 8.67 1.74 20.40
CA GLU A 100 9.45 1.42 21.61
C GLU A 100 8.92 2.17 22.81
N VAL A 101 8.59 1.43 23.86
CA VAL A 101 8.04 2.05 25.05
C VAL A 101 8.99 1.84 26.22
N VAL A 102 9.18 2.87 27.01
CA VAL A 102 10.09 2.76 28.16
C VAL A 102 9.38 3.22 29.43
N VAL A 103 9.39 2.36 30.44
CA VAL A 103 8.79 2.64 31.74
C VAL A 103 9.95 2.20 32.66
N THR A 104 10.90 3.12 32.81
CA THR A 104 12.14 2.90 33.58
C THR A 104 11.94 2.05 34.81
N PRO A 105 12.79 1.01 34.99
CA PRO A 105 13.90 0.63 34.12
C PRO A 105 13.56 -0.39 32.99
N LEU A 106 12.28 -0.59 32.69
CA LEU A 106 11.92 -1.53 31.63
C LEU A 106 11.75 -0.87 30.26
N LYS A 107 11.85 -1.70 29.22
CA LYS A 107 11.69 -1.28 27.84
C LYS A 107 11.08 -2.43 27.07
N ALA A 108 10.21 -2.09 26.14
CA ALA A 108 9.55 -3.10 25.33
C ALA A 108 9.46 -2.53 23.91
N GLN A 109 9.42 -3.40 22.90
CA GLN A 109 9.30 -2.88 21.53
C GLN A 109 8.63 -3.86 20.62
N GLY A 110 8.14 -3.35 19.50
CA GLY A 110 7.45 -4.18 18.55
C GLY A 110 7.71 -3.53 17.19
N THR A 111 7.61 -4.32 16.13
CA THR A 111 7.87 -3.84 14.79
C THR A 111 6.79 -4.28 13.86
N VAL A 112 6.56 -3.49 12.82
CA VAL A 112 5.56 -3.85 11.82
C VAL A 112 5.99 -3.32 10.46
N GLN A 113 5.65 -4.05 9.40
CA GLN A 113 5.97 -3.63 8.03
C GLN A 113 4.80 -2.88 7.42
N LEU A 114 5.05 -1.68 6.91
CA LEU A 114 3.96 -0.92 6.30
C LEU A 114 4.15 -0.96 4.78
N GLU A 115 3.12 -1.41 4.08
CA GLU A 115 3.19 -1.46 2.61
C GLU A 115 2.21 -0.47 2.04
N VAL A 116 2.71 0.44 1.19
CA VAL A 116 1.86 1.47 0.60
C VAL A 116 1.58 1.06 -0.86
N VAL A 117 0.30 1.01 -1.24
CA VAL A 117 -0.02 0.61 -2.61
C VAL A 117 -0.84 1.67 -3.35
N ALA A 118 -0.62 1.76 -4.66
CA ALA A 118 -1.34 2.70 -5.50
C ALA A 118 -2.03 1.89 -6.59
N SER A 119 -3.29 2.19 -6.81
CA SER A 119 -4.10 1.48 -7.78
C SER A 119 -3.89 1.98 -9.21
N PRO A 120 -3.86 1.05 -10.18
CA PRO A 120 -3.66 1.53 -11.54
C PRO A 120 -4.95 2.10 -12.12
N ALA A 121 -4.80 3.11 -12.97
CA ALA A 121 -5.90 3.68 -13.72
C ALA A 121 -5.63 3.11 -15.11
N SER A 122 -6.66 2.71 -15.82
CA SER A 122 -6.48 2.13 -17.11
C SER A 122 -7.25 2.88 -18.19
N ARG A 123 -6.73 2.93 -19.41
CA ARG A 123 -7.45 3.60 -20.50
C ARG A 123 -7.13 2.86 -21.78
N LEU A 124 -8.07 2.86 -22.72
CA LEU A 124 -7.85 2.22 -24.01
C LEU A 124 -7.38 3.25 -25.03
N LEU A 125 -6.44 2.85 -25.88
CA LEU A 125 -5.93 3.71 -26.96
C LEU A 125 -6.30 2.90 -28.22
N LEU A 126 -7.41 3.28 -28.83
CA LEU A 126 -7.94 2.55 -29.99
C LEU A 126 -7.68 3.18 -31.36
N ASP A 127 -6.96 4.30 -31.39
CA ASP A 127 -6.66 5.00 -32.64
C ASP A 127 -5.32 4.60 -33.23
N ASP A 136 -6.41 -2.89 -36.63
CA ASP A 136 -5.16 -3.69 -36.41
C ASP A 136 -4.63 -3.76 -34.95
N LYS A 137 -4.10 -2.64 -34.44
CA LYS A 137 -3.53 -2.63 -33.08
C LYS A 137 -4.26 -1.78 -32.07
N TYR A 138 -4.60 -2.36 -30.93
CA TYR A 138 -5.30 -1.61 -29.91
C TYR A 138 -4.49 -1.64 -28.63
N MET A 139 -4.49 -0.53 -27.89
CA MET A 139 -3.68 -0.54 -26.70
C MET A 139 -4.45 -0.27 -25.44
N CYS A 140 -3.86 -0.71 -24.34
CA CYS A 140 -4.43 -0.48 -23.03
C CYS A 140 -3.30 0.01 -22.13
N GLU A 141 -3.43 1.23 -21.66
CA GLU A 141 -2.40 1.79 -20.79
C GLU A 141 -2.84 1.79 -19.34
N SER A 142 -2.07 1.13 -18.47
CA SER A 142 -2.39 1.16 -17.04
C SER A 142 -1.37 2.10 -16.42
N SER A 143 -1.78 2.93 -15.47
CA SER A 143 -0.82 3.89 -14.95
C SER A 143 -0.93 4.25 -13.49
N GLY A 144 0.19 4.77 -12.98
CA GLY A 144 0.23 5.21 -11.59
C GLY A 144 0.09 4.14 -10.53
N PHE A 145 0.50 2.91 -10.80
CA PHE A 145 0.37 1.85 -9.82
C PHE A 145 1.69 1.58 -9.07
N TYR A 146 1.58 1.00 -7.88
CA TYR A 146 2.73 0.64 -7.07
C TYR A 146 2.23 -0.49 -6.16
N PRO A 147 2.99 -1.59 -6.05
CA PRO A 147 4.27 -1.96 -6.66
C PRO A 147 4.22 -2.30 -8.15
N GLU A 148 5.38 -2.63 -8.68
CA GLU A 148 5.51 -2.90 -10.10
C GLU A 148 4.83 -4.16 -10.61
N ALA A 149 4.71 -5.18 -9.77
CA ALA A 149 4.08 -6.41 -10.22
C ALA A 149 2.64 -6.16 -10.70
N ILE A 150 2.35 -6.55 -11.92
CA ILE A 150 1.01 -6.36 -12.46
C ILE A 150 0.78 -7.41 -13.57
N ASN A 151 -0.48 -7.81 -13.74
CA ASN A 151 -0.80 -8.79 -14.77
C ASN A 151 -1.82 -8.20 -15.73
N ILE A 152 -1.43 -7.97 -16.97
CA ILE A 152 -2.42 -7.43 -17.91
C ILE A 152 -2.75 -8.54 -18.89
N THR A 153 -4.05 -8.78 -19.11
CA THR A 153 -4.50 -9.77 -20.10
C THR A 153 -5.64 -9.16 -20.93
N TRP A 154 -6.04 -9.88 -21.98
CA TRP A 154 -7.16 -9.46 -22.79
C TRP A 154 -8.10 -10.65 -22.93
N GLU A 155 -9.37 -10.36 -23.00
CA GLU A 155 -10.34 -11.40 -23.14
C GLU A 155 -11.34 -10.91 -24.16
N LYS A 156 -12.10 -11.84 -24.71
CA LYS A 156 -13.12 -11.42 -25.66
C LYS A 156 -14.36 -12.26 -25.49
N GLN A 157 -15.53 -11.67 -25.74
CA GLN A 157 -16.79 -12.38 -25.69
C GLN A 157 -17.48 -12.17 -27.04
N THR A 158 -17.69 -13.27 -27.75
CA THR A 158 -18.29 -13.22 -29.08
C THR A 158 -19.76 -13.60 -28.96
N GLN A 159 -20.50 -13.35 -30.03
CA GLN A 159 -21.93 -13.68 -30.05
C GLN A 159 -22.15 -15.19 -30.03
N LYS A 160 -21.34 -15.93 -30.79
CA LYS A 160 -21.50 -17.37 -30.85
C LYS A 160 -21.15 -18.07 -29.56
N PHE A 161 -20.11 -17.61 -28.86
CA PHE A 161 -19.74 -18.21 -27.56
C PHE A 161 -19.82 -17.08 -26.53
N PRO A 162 -21.00 -16.91 -25.92
CA PRO A 162 -21.21 -15.86 -24.93
C PRO A 162 -20.64 -16.05 -23.55
N HIS A 163 -19.31 -16.15 -23.49
CA HIS A 163 -18.60 -16.29 -22.24
C HIS A 163 -17.19 -15.78 -22.54
N PRO A 164 -16.48 -15.24 -21.53
CA PRO A 164 -15.12 -14.72 -21.80
C PRO A 164 -14.07 -15.76 -22.20
N ILE A 165 -13.29 -15.41 -23.20
CA ILE A 165 -12.20 -16.26 -23.64
C ILE A 165 -10.92 -15.41 -23.52
N GLU A 166 -9.90 -15.92 -22.85
CA GLU A 166 -8.69 -15.12 -22.74
C GLU A 166 -7.95 -15.16 -24.08
N ILE A 167 -7.47 -14.01 -24.53
CA ILE A 167 -6.74 -13.90 -25.79
C ILE A 167 -5.25 -14.01 -25.46
N SER A 168 -4.61 -15.06 -25.93
CA SER A 168 -3.18 -15.24 -25.65
C SER A 168 -2.37 -14.97 -26.90
N GLU A 169 -2.97 -15.30 -28.03
CA GLU A 169 -2.32 -15.10 -29.31
C GLU A 169 -2.38 -13.62 -29.67
N ASP A 170 -1.30 -13.10 -30.24
CA ASP A 170 -1.29 -11.70 -30.71
C ASP A 170 -1.34 -10.56 -29.68
N VAL A 171 -0.91 -10.85 -28.46
CA VAL A 171 -0.85 -9.85 -27.38
C VAL A 171 0.63 -9.67 -27.00
N ILE A 172 1.11 -8.44 -27.10
CA ILE A 172 2.48 -8.10 -26.73
C ILE A 172 2.34 -7.00 -25.67
N THR A 173 2.89 -7.24 -24.50
CA THR A 173 2.79 -6.26 -23.43
C THR A 173 4.16 -5.61 -23.29
N GLY A 174 4.21 -4.29 -23.37
CA GLY A 174 5.48 -3.62 -23.28
C GLY A 174 6.11 -3.64 -21.89
N PRO A 175 7.27 -2.97 -21.74
CA PRO A 175 7.94 -2.92 -20.45
C PRO A 175 7.18 -2.05 -19.46
N THR A 176 7.40 -2.32 -18.18
CA THR A 176 6.78 -1.52 -17.12
C THR A 176 7.75 -0.33 -17.08
N ILE A 177 7.22 0.89 -17.06
CA ILE A 177 8.06 2.09 -17.10
C ILE A 177 7.92 2.89 -15.79
N LYS A 178 8.95 3.67 -15.47
CA LYS A 178 8.96 4.43 -14.22
C LYS A 178 8.45 5.86 -14.31
N ASN A 179 7.64 6.26 -13.32
CA ASN A 179 7.12 7.60 -13.22
C ASN A 179 7.97 8.32 -12.18
N MET A 180 8.08 9.63 -12.34
CA MET A 180 8.85 10.47 -11.44
C MET A 180 8.29 10.39 -10.03
N ASP A 181 6.99 10.17 -9.88
CA ASP A 181 6.46 10.09 -8.52
C ASP A 181 6.71 8.76 -7.83
N GLY A 182 7.48 7.89 -8.47
CA GLY A 182 7.71 6.60 -7.84
C GLY A 182 6.72 5.51 -8.27
N THR A 183 5.65 5.85 -8.97
CA THR A 183 4.75 4.77 -9.42
C THR A 183 5.20 4.24 -10.79
N PHE A 184 4.39 3.38 -11.42
CA PHE A 184 4.73 2.80 -12.72
C PHE A 184 3.54 2.83 -13.72
N ASN A 185 3.85 2.66 -15.00
CA ASN A 185 2.83 2.55 -16.06
C ASN A 185 3.26 1.34 -16.82
N VAL A 186 2.32 0.70 -17.52
CA VAL A 186 2.66 -0.40 -18.44
C VAL A 186 1.57 -0.37 -19.54
N THR A 187 1.96 -0.62 -20.79
CA THR A 187 0.99 -0.60 -21.90
C THR A 187 1.02 -1.98 -22.57
N SER A 188 -0.17 -2.50 -22.87
CA SER A 188 -0.34 -3.80 -23.50
C SER A 188 -0.98 -3.58 -24.86
N CYS A 189 -0.60 -4.40 -25.83
CA CYS A 189 -1.10 -4.24 -27.20
C CYS A 189 -1.88 -5.45 -27.68
N LEU A 190 -3.00 -5.19 -28.34
CA LEU A 190 -3.83 -6.27 -28.89
C LEU A 190 -3.86 -6.13 -30.41
N LYS A 191 -3.42 -7.15 -31.14
CA LYS A 191 -3.44 -7.11 -32.61
C LYS A 191 -4.60 -7.98 -33.10
N LEU A 192 -5.46 -7.45 -33.98
CA LEU A 192 -6.62 -8.22 -34.48
C LEU A 192 -6.66 -8.66 -35.99
N ASN A 193 -7.63 -8.14 -36.78
CA ASN A 193 -7.83 -8.47 -38.21
C ASN A 193 -9.32 -8.59 -38.53
N GLN A 196 -11.31 -10.86 -40.21
CA GLN A 196 -11.31 -12.25 -39.62
C GLN A 196 -11.98 -12.32 -38.24
N GLU A 197 -12.72 -11.29 -37.86
CA GLU A 197 -13.41 -11.25 -36.57
C GLU A 197 -14.92 -11.21 -36.78
N ASP A 198 -15.66 -11.77 -35.84
CA ASP A 198 -17.11 -11.75 -35.99
C ASP A 198 -17.65 -10.42 -35.48
N PRO A 199 -18.83 -10.02 -35.98
CA PRO A 199 -19.43 -8.76 -35.54
C PRO A 199 -19.94 -8.85 -34.12
N GLY A 200 -19.92 -7.72 -33.43
CA GLY A 200 -20.42 -7.71 -32.08
C GLY A 200 -19.55 -8.36 -31.01
N THR A 201 -18.29 -8.65 -31.32
CA THR A 201 -17.46 -9.24 -30.28
C THR A 201 -17.02 -8.12 -29.31
N VAL A 202 -17.05 -8.39 -28.02
CA VAL A 202 -16.60 -7.39 -27.03
C VAL A 202 -15.17 -7.76 -26.61
N TYR A 203 -14.25 -6.82 -26.76
CA TYR A 203 -12.85 -7.02 -26.40
C TYR A 203 -12.58 -6.33 -25.08
N GLN A 204 -11.81 -6.98 -24.21
CA GLN A 204 -11.60 -6.39 -22.91
C GLN A 204 -10.16 -6.47 -22.40
N CYS A 205 -9.65 -5.33 -21.95
CA CYS A 205 -8.32 -5.27 -21.35
C CYS A 205 -8.63 -5.49 -19.84
N VAL A 206 -7.94 -6.47 -19.25
CA VAL A 206 -8.15 -6.84 -17.84
C VAL A 206 -6.88 -6.58 -17.02
N VAL A 207 -7.01 -5.73 -16.01
CA VAL A 207 -5.88 -5.38 -15.18
C VAL A 207 -6.03 -5.96 -13.76
N ARG A 208 -5.01 -6.71 -13.36
CA ARG A 208 -4.93 -7.38 -12.04
C ARG A 208 -3.73 -6.82 -11.29
N HIS A 209 -4.00 -6.28 -10.10
CA HIS A 209 -2.94 -5.71 -9.26
C HIS A 209 -3.33 -5.90 -7.78
N ALA A 210 -2.34 -5.90 -6.89
CA ALA A 210 -2.62 -6.12 -5.46
C ALA A 210 -3.53 -5.07 -4.85
N SER A 211 -3.42 -3.84 -5.32
CA SER A 211 -4.25 -2.77 -4.78
C SER A 211 -5.72 -2.94 -5.18
N LEU A 212 -5.98 -3.77 -6.18
CA LEU A 212 -7.35 -3.95 -6.65
C LEU A 212 -8.15 -5.01 -5.90
N HIS A 213 -9.38 -4.68 -5.53
CA HIS A 213 -10.25 -5.65 -4.84
C HIS A 213 -10.86 -6.53 -5.93
N THR A 214 -10.99 -5.95 -7.12
CA THR A 214 -11.56 -6.66 -8.26
C THR A 214 -10.81 -6.20 -9.52
N PRO A 215 -10.58 -7.09 -10.49
CA PRO A 215 -9.86 -6.62 -11.67
C PRO A 215 -10.51 -5.43 -12.38
N LEU A 216 -9.67 -4.60 -12.98
CA LEU A 216 -10.17 -3.47 -13.70
C LEU A 216 -10.38 -3.94 -15.15
N ARG A 217 -11.58 -3.75 -15.69
CA ARG A 217 -11.90 -4.19 -17.05
C ARG A 217 -12.33 -3.02 -17.92
N SER A 218 -11.71 -2.90 -19.08
CA SER A 218 -12.04 -1.85 -20.02
C SER A 218 -12.44 -2.52 -21.32
N ASN A 219 -13.61 -2.17 -21.83
CA ASN A 219 -14.15 -2.82 -23.03
C ASN A 219 -14.33 -1.97 -24.26
N PHE A 220 -14.34 -2.62 -25.43
CA PHE A 220 -14.60 -1.95 -26.71
C PHE A 220 -15.12 -2.95 -27.73
N THR A 221 -15.83 -2.43 -28.72
CA THR A 221 -16.36 -3.24 -29.79
C THR A 221 -15.82 -2.63 -31.09
N LEU A 222 -15.94 -3.36 -32.19
CA LEU A 222 -15.49 -2.87 -33.48
C LEU A 222 -16.63 -2.67 -34.48
#